data_4P4W
#
_entry.id   4P4W
#
_cell.length_a   58.193
_cell.length_b   58.193
_cell.length_c   121.279
_cell.angle_alpha   90.00
_cell.angle_beta   90.00
_cell.angle_gamma   120.00
#
_symmetry.space_group_name_H-M   'P 31 2 1'
#
loop_
_entity.id
_entity.type
_entity.pdbx_description
1 polymer 'CYCLIC HEXADECAPEPTIDE (ORN)YLL(PHI)YTE(ORN)KVA(MVA)AVK'
2 non-polymer 'SULFATE ION'
3 non-polymer 'CHLORIDE ION'
4 non-polymer 'SODIUM ION'
5 water water
#
_entity_poly.entity_id   1
_entity_poly.type   'polypeptide(L)'
_entity_poly.pdbx_seq_one_letter_code
;(ORN)YLL(PHI)YTE(ORN)KVA(MVA)AVK
;
_entity_poly.pdbx_strand_id   A,B,C,D,E,F,G,H,I,J,K,L
#
loop_
_chem_comp.id
_chem_comp.type
_chem_comp.name
_chem_comp.formula
CL non-polymer 'CHLORIDE ION' 'Cl -1'
NA non-polymer 'SODIUM ION' 'Na 1'
SO4 non-polymer 'SULFATE ION' 'O4 S -2'
#
# COMPACT_ATOMS: atom_id res chain seq x y z
N ORN A 1 2.79 15.48 2.82
CA ORN A 1 3.36 14.93 1.56
CB ORN A 1 4.87 14.88 1.62
CG ORN A 1 5.50 16.28 1.43
CD ORN A 1 5.50 16.73 -0.04
NE ORN A 1 6.14 15.77 -0.90
C ORN A 1 2.83 13.54 1.38
O ORN A 1 2.53 12.85 2.34
H2 ORN A 1 3.21 15.10 3.65
H ORN A 1 1.78 15.32 2.91
HA ORN A 1 2.98 15.54 0.74
HB2 ORN A 1 5.19 14.46 2.59
HB3 ORN A 1 5.22 14.25 0.79
HG2 ORN A 1 6.55 16.24 1.79
HG3 ORN A 1 4.95 17.00 2.04
HD2 ORN A 1 4.46 16.87 -0.35
HD3 ORN A 1 6.04 17.67 -0.10
HE1 ORN A 1 7.16 15.81 -0.92
N TYR A 2 2.69 13.11 0.08
CA TYR A 2 2.20 11.78 -0.22
C TYR A 2 3.34 10.81 -0.06
N LEU A 3 2.96 9.57 0.28
CA LEU A 3 3.90 8.44 0.38
C LEU A 3 3.47 7.56 -0.79
N LEU A 4 4.24 7.62 -1.88
CA LEU A 4 3.85 6.97 -3.13
C LEU A 4 4.75 5.78 -3.45
N PHI A 5 4.17 4.61 -3.62
CA PHI A 5 5.00 3.48 -4.04
CB PHI A 5 4.25 2.14 -3.84
CG PHI A 5 4.45 1.72 -2.36
CD1 PHI A 5 5.54 0.83 -2.02
CD2 PHI A 5 3.64 2.17 -1.38
CE1 PHI A 5 5.73 0.45 -0.73
CE2 PHI A 5 3.83 1.79 -0.07
CZ PHI A 5 4.89 0.87 0.27
I PHI A 5 5.31 0.29 2.24
C PHI A 5 5.39 3.70 -5.47
O PHI A 5 4.62 4.28 -6.29
H PHI A 5 3.26 4.39 -3.52
HA PHI A 5 5.80 3.48 -3.50
HB2 PHI A 5 3.35 2.26 -4.01
HB3 PHI A 5 4.60 1.47 -4.42
HD1 PHI A 5 6.12 0.49 -2.71
HD2 PHI A 5 2.86 2.81 -1.60
HE1 PHI A 5 6.48 -0.17 -0.51
HE2 PHI A 5 3.19 2.16 0.67
N TYR A 6 6.58 3.26 -5.83
CA TYR A 6 7.02 3.31 -7.20
C TYR A 6 8.00 2.19 -7.51
N THR A 7 8.26 1.98 -8.79
CA THR A 7 9.24 0.99 -9.25
C THR A 7 10.04 1.56 -10.42
N GLU A 8 11.32 1.19 -10.47
CA GLU A 8 12.19 1.49 -11.62
C GLU A 8 12.55 0.23 -12.41
N ORN A 9 12.67 -5.90 -10.92
CA ORN A 9 12.67 -4.73 -10.05
CB ORN A 9 12.09 -3.49 -10.80
CG ORN A 9 12.85 -3.10 -12.06
CD ORN A 9 12.03 -2.13 -12.89
NE ORN A 9 11.78 -0.87 -12.19
C ORN A 9 11.77 -4.92 -8.81
O ORN A 9 10.74 -5.59 -8.84
H2 ORN A 9 11.80 -6.01 -11.46
H ORN A 9 12.79 -6.78 -10.42
HA ORN A 9 13.70 -4.58 -9.71
HB2 ORN A 9 11.06 -3.73 -11.10
HB3 ORN A 9 12.10 -2.64 -10.12
HG2 ORN A 9 13.05 -3.99 -12.66
HG3 ORN A 9 13.80 -2.63 -11.78
HD2 ORN A 9 12.58 -1.91 -13.82
HD3 ORN A 9 11.07 -2.60 -13.12
HE1 ORN A 9 10.99 -0.87 -11.55
N LYS A 10 12.21 -4.25 -7.71
CA LYS A 10 11.51 -4.18 -6.44
C LYS A 10 10.70 -2.88 -6.46
N VAL A 11 10.11 -2.53 -5.32
CA VAL A 11 9.39 -1.27 -5.20
C VAL A 11 10.07 -0.37 -4.18
N ALA A 12 9.57 0.86 -4.06
CA ALA A 12 10.17 1.79 -3.13
C ALA A 12 9.14 2.85 -2.74
N MVA A 13 9.39 3.63 -1.68
CN MVA A 13 10.56 3.46 -0.78
CA MVA A 13 8.42 4.68 -1.33
CB MVA A 13 7.96 4.60 0.15
CG1 MVA A 13 7.40 3.19 0.45
CG2 MVA A 13 6.91 5.68 0.44
C MVA A 13 9.01 6.06 -1.57
O MVA A 13 10.02 6.43 -1.02
HN1 MVA A 13 10.23 3.19 0.19
HN2 MVA A 13 11.09 4.38 -0.73
HN3 MVA A 13 11.19 2.71 -1.16
HA MVA A 13 7.53 4.56 -1.97
HB MVA A 13 8.83 4.78 0.79
HG11 MVA A 13 8.11 2.46 0.14
HG12 MVA A 13 6.50 3.06 -0.08
HG13 MVA A 13 7.23 3.09 1.49
HG21 MVA A 13 6.02 5.49 -0.12
HG22 MVA A 13 7.30 6.64 0.18
HG23 MVA A 13 6.67 5.67 1.47
N ALA A 14 8.33 6.83 -2.40
CA ALA A 14 8.67 8.21 -2.65
C ALA A 14 7.92 9.08 -1.66
N VAL A 15 8.59 10.16 -1.24
CA VAL A 15 7.95 11.16 -0.40
C VAL A 15 7.80 12.41 -1.26
N LYS A 16 6.58 12.69 -1.63
CA LYS A 16 6.31 13.87 -2.46
C LYS A 16 5.44 14.83 -1.63
N ORN B 1 8.06 4.32 -12.48
CA ORN B 1 6.70 4.74 -12.49
CB ORN B 1 5.88 3.98 -13.55
CG ORN B 1 6.18 4.46 -14.98
CD ORN B 1 5.59 5.82 -15.26
NE ORN B 1 4.16 5.78 -15.06
C ORN B 1 6.06 4.49 -11.13
O ORN B 1 6.40 3.51 -10.44
H2 ORN B 1 8.17 3.31 -12.51
H ORN B 1 8.57 4.62 -11.64
HA ORN B 1 6.71 5.82 -12.66
HB2 ORN B 1 6.08 2.91 -13.49
HB3 ORN B 1 4.81 4.18 -13.37
HG2 ORN B 1 5.77 3.74 -15.70
HG3 ORN B 1 7.27 4.51 -15.12
HD2 ORN B 1 6.03 6.54 -14.56
HD3 ORN B 1 5.80 6.09 -16.30
HE1 ORN B 1 3.63 5.33 -15.81
N TYR B 2 5.10 5.37 -10.78
CA TYR B 2 4.36 5.26 -9.54
C TYR B 2 3.32 4.14 -9.69
N LEU B 3 3.06 3.53 -8.55
CA LEU B 3 2.07 2.49 -8.39
C LEU B 3 1.00 3.09 -7.46
N LEU B 4 -0.11 3.47 -8.05
CA LEU B 4 -1.12 4.29 -7.38
C LEU B 4 -2.42 3.51 -7.29
N PHI B 5 -2.84 3.23 -6.06
CA PHI B 5 -4.14 2.60 -5.83
CB PHI B 5 -4.23 2.14 -4.38
CG PHI B 5 -3.40 0.82 -4.19
CD1 PHI B 5 -4.02 -0.51 -4.21
CD2 PHI B 5 -2.05 0.86 -4.04
CE1 PHI B 5 -3.33 -1.66 -4.05
CE2 PHI B 5 -1.35 -0.31 -3.87
CZ PHI B 5 -2.00 -1.62 -3.88
I PHI B 5 -1.23 -3.53 -3.63
C PHI B 5 -5.22 3.54 -6.16
O PHI B 5 -5.12 4.77 -5.93
H PHI B 5 -2.37 3.40 -5.26
HA PHI B 5 -4.21 1.83 -6.40
HB2 PHI B 5 -3.88 2.79 -3.82
HB3 PHI B 5 -5.15 1.98 -4.14
HD1 PHI B 5 -4.97 -0.56 -4.33
HD2 PHI B 5 -1.56 1.76 -4.02
HE1 PHI B 5 -3.81 -2.53 -4.05
HE2 PHI B 5 -0.30 -0.27 -3.73
N TYR B 6 -6.30 3.03 -6.75
CA TYR B 6 -7.47 3.88 -7.02
C TYR B 6 -8.72 3.02 -7.00
N THR B 7 -9.87 3.71 -6.98
CA THR B 7 -11.16 3.02 -7.06
C THR B 7 -12.11 3.90 -7.85
N GLU B 8 -12.96 3.23 -8.65
CA GLU B 8 -14.08 3.86 -9.35
C GLU B 8 -15.42 3.53 -8.68
N ORN B 9 -17.44 -1.48 -5.39
CA ORN B 9 -16.19 -1.22 -6.12
CB ORN B 9 -15.88 0.26 -6.22
CG ORN B 9 -16.89 1.11 -6.97
CD ORN B 9 -16.57 2.58 -6.72
NE ORN B 9 -15.38 2.97 -7.43
C ORN B 9 -15.05 -1.81 -5.38
O ORN B 9 -15.02 -1.87 -4.15
H2 ORN B 9 -17.54 -0.91 -4.54
H ORN B 9 -17.54 -2.44 -5.08
HA ORN B 9 -16.28 -1.73 -7.09
HB2 ORN B 9 -15.82 0.66 -5.20
HB3 ORN B 9 -14.92 0.38 -6.74
HG2 ORN B 9 -17.91 0.90 -6.60
HG3 ORN B 9 -16.84 0.89 -8.04
HD2 ORN B 9 -17.41 3.19 -7.06
HD3 ORN B 9 -16.40 2.72 -5.65
HE1 ORN B 9 -14.50 2.77 -6.94
N LYS B 10 -14.04 -2.26 -6.20
CA LYS B 10 -12.83 -2.81 -5.67
C LYS B 10 -11.75 -1.76 -5.98
N VAL B 11 -10.53 -2.08 -5.59
CA VAL B 11 -9.43 -1.17 -5.81
C VAL B 11 -8.60 -1.75 -6.94
N ALA B 12 -7.81 -0.88 -7.60
CA ALA B 12 -6.92 -1.32 -8.69
C ALA B 12 -5.61 -0.55 -8.58
N MVA B 13 -4.55 -1.05 -9.24
CN MVA B 13 -4.56 -2.32 -10.00
CA MVA B 13 -3.30 -0.30 -9.18
CB MVA B 13 -2.12 -1.14 -8.67
CG1 MVA B 13 -2.36 -1.86 -7.33
CG2 MVA B 13 -0.83 -0.33 -8.53
C MVA B 13 -2.98 0.31 -10.52
O MVA B 13 -2.71 -0.42 -11.51
HN1 MVA B 13 -3.89 -3.01 -9.54
HN2 MVA B 13 -4.26 -2.15 -11.00
HN3 MVA B 13 -5.54 -2.73 -9.99
HA MVA B 13 -3.44 0.52 -8.47
HB MVA B 13 -1.93 -1.92 -9.42
HG11 MVA B 13 -3.26 -2.41 -7.39
HG12 MVA B 13 -2.42 -1.15 -6.55
HG13 MVA B 13 -1.56 -2.53 -7.14
HG21 MVA B 13 -0.96 0.41 -7.77
HG22 MVA B 13 -0.61 0.14 -9.44
HG23 MVA B 13 -0.03 -0.98 -8.26
N ALA B 14 -2.99 1.61 -10.57
CA ALA B 14 -2.59 2.35 -11.73
C ALA B 14 -1.09 2.47 -11.78
N VAL B 15 -0.56 2.38 -12.99
CA VAL B 15 0.83 2.60 -13.22
C VAL B 15 0.98 3.96 -13.93
N LYS B 16 1.75 4.82 -13.32
CA LYS B 16 2.03 6.15 -13.88
C LYS B 16 3.54 6.32 -13.95
N ORN C 1 -11.15 7.65 -8.15
CA ORN C 1 -10.25 8.54 -7.53
CB ORN C 1 -10.90 9.35 -6.43
CG ORN C 1 -11.65 10.64 -6.97
CD ORN C 1 -10.69 11.73 -7.38
NE ORN C 1 -9.96 12.17 -6.23
C ORN C 1 -9.12 7.71 -6.90
O ORN C 1 -9.30 6.52 -6.60
H2 ORN C 1 -11.74 7.14 -7.48
H ORN C 1 -10.68 6.93 -8.71
HA ORN C 1 -9.81 9.15 -8.33
HB2 ORN C 1 -11.62 8.73 -5.87
HB3 ORN C 1 -10.11 9.72 -5.77
HG2 ORN C 1 -12.31 11.01 -6.18
HG3 ORN C 1 -12.27 10.35 -7.83
HD2 ORN C 1 -10.00 11.35 -8.12
HD3 ORN C 1 -11.27 12.57 -7.77
HE1 ORN C 1 -10.50 12.72 -5.56
N TYR C 2 -7.97 8.38 -6.74
CA TYR C 2 -6.79 7.73 -6.17
C TYR C 2 -6.89 7.65 -4.67
N LEU C 3 -6.26 6.64 -4.14
CA LEU C 3 -6.15 6.40 -2.71
C LEU C 3 -4.66 6.56 -2.39
N LEU C 4 -4.33 7.69 -1.82
CA LEU C 4 -2.92 8.10 -1.67
C LEU C 4 -2.59 8.21 -0.18
N PHI C 5 -1.64 7.42 0.28
N PHI C 5 -1.62 7.42 0.28
CA PHI C 5 -1.16 7.53 1.66
CA PHI C 5 -1.13 7.57 1.66
CB PHI C 5 -0.20 6.36 1.98
CB PHI C 5 0.00 6.62 2.10
CG PHI C 5 -0.98 5.06 2.30
CG PHI C 5 -0.32 5.14 1.81
CD1 PHI C 5 -1.58 4.83 3.59
CD1 PHI C 5 -1.38 4.47 2.55
CD2 PHI C 5 -1.07 4.12 1.31
CD2 PHI C 5 0.41 4.49 0.84
CE1 PHI C 5 -2.26 3.66 3.81
CE1 PHI C 5 -1.64 3.17 2.27
CE2 PHI C 5 -1.75 2.95 1.53
CE2 PHI C 5 0.14 3.19 0.57
CZ PHI C 5 -2.37 2.72 2.80
CZ PHI C 5 -0.91 2.51 1.30
I PHI C 5 -3.40 0.90 3.16
I PHI C 5 -1.34 0.50 0.88
C PHI C 5 -0.41 8.82 1.78
C PHI C 5 -0.47 8.89 1.74
O PHI C 5 0.30 9.24 0.80
O PHI C 5 0.16 9.38 0.75
H PHI C 5 -1.19 6.73 -0.19
H PHI C 5 -1.17 6.74 -0.18
HA PHI C 5 -1.91 7.52 2.27
HA PHI C 5 -1.87 7.53 2.28
HB2 PHI C 5 0.36 6.20 1.25
HB2 PHI C 5 0.78 6.85 1.67
HB3 PHI C 5 0.34 6.60 2.74
HB3 PHI C 5 0.12 6.71 3.05
HD1 PHI C 5 -1.51 5.49 4.28
HD1 PHI C 5 -1.87 4.94 3.21
HD2 PHI C 5 -0.64 4.30 0.39
HD2 PHI C 5 1.15 4.98 0.33
HE1 PHI C 5 -2.68 3.50 4.70
HE1 PHI C 5 -2.37 2.68 2.76
HE2 PHI C 5 -1.82 2.23 0.77
HE2 PHI C 5 0.68 2.68 -0.17
N TYR C 6 -0.55 9.50 2.89
CA TYR C 6 0.18 10.73 3.12
C TYR C 6 0.47 10.94 4.59
N THR C 7 1.40 11.84 4.83
CA THR C 7 1.75 12.21 6.17
C THR C 7 2.14 13.70 6.18
N GLU C 8 1.81 14.37 7.28
CA GLU C 8 2.20 15.76 7.48
C GLU C 8 3.31 15.87 8.53
N ORN C 9 4.46 12.46 13.49
CA ORN C 9 3.36 12.57 12.52
CB ORN C 9 3.89 12.97 11.15
CG ORN C 9 4.53 14.32 11.14
CD ORN C 9 5.07 14.67 9.76
NE ORN C 9 4.00 14.71 8.80
C ORN C 9 2.70 11.20 12.39
O ORN C 9 3.21 10.18 12.83
H2 ORN C 9 5.28 11.97 13.11
H ORN C 9 4.21 11.96 14.33
HA ORN C 9 2.64 13.27 12.94
HB2 ORN C 9 4.64 12.23 10.84
HB3 ORN C 9 3.06 12.99 10.45
HG2 ORN C 9 5.36 14.33 11.86
HG3 ORN C 9 3.79 15.07 11.43
HD2 ORN C 9 5.77 13.89 9.45
HD3 ORN C 9 5.56 15.64 9.79
HE1 ORN C 9 3.78 13.83 8.35
N LYS C 10 1.48 11.23 11.79
CA LYS C 10 0.71 10.03 11.57
C LYS C 10 0.59 9.87 10.05
N VAL C 11 -0.02 8.79 9.60
CA VAL C 11 -0.28 8.58 8.18
C VAL C 11 -1.78 8.52 7.97
N ALA C 12 -2.24 8.98 6.80
CA ALA C 12 -3.66 8.97 6.50
C ALA C 12 -3.86 8.55 5.05
N MVA C 13 -5.08 8.15 4.65
CN MVA C 13 -6.23 7.97 5.57
CA MVA C 13 -5.32 7.87 3.22
CB MVA C 13 -5.95 6.51 2.97
CG1 MVA C 13 -5.18 5.41 3.72
CG2 MVA C 13 -6.04 6.15 1.48
C MVA C 13 -6.14 8.94 2.58
O MVA C 13 -7.33 9.04 2.92
HN1 MVA C 13 -6.55 6.96 5.56
HN2 MVA C 13 -7.04 8.59 5.25
HN3 MVA C 13 -5.95 8.24 6.55
HA MVA C 13 -4.34 7.86 2.72
HB MVA C 13 -6.97 6.54 3.37
HG11 MVA C 13 -5.07 5.69 4.74
HG12 MVA C 13 -4.23 5.28 3.28
HG13 MVA C 13 -5.72 4.49 3.66
HG21 MVA C 13 -5.05 6.06 1.09
HG22 MVA C 13 -6.55 6.93 0.96
HG23 MVA C 13 -6.57 5.25 1.36
N ALA C 14 -5.54 9.71 1.68
CA ALA C 14 -6.28 10.69 0.94
C ALA C 14 -7.07 10.05 -0.16
N VAL C 15 -8.27 10.59 -0.40
CA VAL C 15 -9.01 10.28 -1.60
C VAL C 15 -8.83 11.47 -2.54
N LYS C 16 -8.31 11.25 -3.72
CA LYS C 16 -8.09 12.34 -4.69
C LYS C 16 -8.66 11.84 -6.00
N ORN D 1 10.98 -8.83 7.02
CA ORN D 1 9.73 -8.62 7.78
CB ORN D 1 10.00 -7.74 9.01
CG ORN D 1 10.67 -8.51 10.15
CD ORN D 1 9.68 -9.41 10.87
NE ORN D 1 8.59 -8.64 11.45
C ORN D 1 8.71 -7.94 6.90
O ORN D 1 9.04 -7.32 5.90
H2 ORN D 1 11.52 -7.97 6.87
H ORN D 1 10.82 -9.21 6.07
HA ORN D 1 9.36 -9.62 8.03
HB2 ORN D 1 10.63 -6.89 8.73
HB3 ORN D 1 9.03 -7.40 9.39
HG2 ORN D 1 11.09 -7.79 10.87
HG3 ORN D 1 11.49 -9.12 9.75
HD2 ORN D 1 9.26 -10.12 10.16
HD3 ORN D 1 10.20 -9.94 11.67
HE1 ORN D 1 8.81 -8.18 12.34
N TYR D 2 7.41 -8.12 7.24
CA TYR D 2 6.31 -7.48 6.53
C TYR D 2 6.21 -6.05 7.02
N LEU D 3 5.74 -5.21 6.12
CA LEU D 3 5.32 -3.85 6.41
C LEU D 3 3.82 -3.82 6.23
N LEU D 4 3.11 -3.75 7.35
CA LEU D 4 1.67 -3.95 7.38
C LEU D 4 0.96 -2.72 7.86
N PHI D 5 0.13 -2.14 7.01
CA PHI D 5 -0.68 -0.99 7.45
CB PHI D 5 -1.44 -0.36 6.25
CG PHI D 5 -0.49 0.64 5.54
CD1 PHI D 5 -0.47 2.02 5.95
CD2 PHI D 5 0.38 0.24 4.56
CE1 PHI D 5 0.40 2.89 5.37
CE2 PHI D 5 1.24 1.11 3.94
CZ PHI D 5 1.25 2.46 4.35
I PHI D 5 2.56 3.87 3.50
C PHI D 5 -1.63 -1.42 8.51
O PHI D 5 -2.17 -2.61 8.44
H PHI D 5 -0.02 -2.37 6.11
HA PHI D 5 -0.09 -0.32 7.82
HB2 PHI D 5 -1.69 -1.03 5.65
HB3 PHI D 5 -2.22 0.09 6.57
HD1 PHI D 5 -1.04 2.33 6.65
HD2 PHI D 5 0.37 -0.75 4.26
HE1 PHI D 5 0.41 3.85 5.65
HE2 PHI D 5 1.90 0.77 3.19
N TYR D 6 -1.90 -0.56 9.49
CA TYR D 6 -2.91 -0.87 10.48
C TYR D 6 -3.53 0.39 11.03
N THR D 7 -4.66 0.22 11.71
CA THR D 7 -5.28 1.34 12.41
C THR D 7 -5.80 0.88 13.77
N GLU D 8 -5.76 1.78 14.74
CA GLU D 8 -6.37 1.53 16.05
C GLU D 8 -7.65 2.36 16.26
N ORN D 9 -9.44 7.79 13.81
CA ORN D 9 -8.14 7.13 13.79
CB ORN D 9 -8.28 5.65 14.04
CG ORN D 9 -9.09 5.22 15.25
CD ORN D 9 -9.42 3.74 15.18
NE ORN D 9 -8.20 2.92 15.13
C ORN D 9 -7.42 7.28 12.44
O ORN D 9 -8.04 7.37 11.37
H2 ORN D 9 -10.16 7.28 13.28
H ORN D 9 -9.44 8.73 13.40
HA ORN D 9 -7.52 7.64 14.56
HB2 ORN D 9 -8.78 5.21 13.16
HB3 ORN D 9 -7.28 5.20 14.14
HG2 ORN D 9 -10.03 5.80 15.27
HG3 ORN D 9 -8.51 5.43 16.15
HD2 ORN D 9 -10.00 3.46 16.07
HD3 ORN D 9 -9.99 3.54 14.27
HE1 ORN D 9 -7.81 2.77 14.20
N LYS D 10 -6.06 7.30 12.51
CA LYS D 10 -5.21 7.39 11.32
C LYS D 10 -4.68 5.98 11.08
N VAL D 11 -3.69 5.86 10.22
CA VAL D 11 -3.08 4.57 9.99
C VAL D 11 -1.59 4.65 10.33
N ALA D 12 -0.96 3.49 10.39
CA ALA D 12 0.44 3.43 10.72
C ALA D 12 1.03 2.20 10.05
N MVA D 13 2.36 2.11 9.97
CN MVA D 13 3.29 3.16 10.43
CA MVA D 13 2.93 0.91 9.34
CB MVA D 13 3.90 1.20 8.19
CG1 MVA D 13 3.24 2.16 7.18
CG2 MVA D 13 4.36 -0.07 7.48
C MVA D 13 3.68 0.04 10.35
O MVA D 13 4.74 0.44 10.88
HN1 MVA D 13 3.83 3.54 9.60
HN2 MVA D 13 3.97 2.74 11.13
HN3 MVA D 13 2.75 3.94 10.89
HA MVA D 13 2.11 0.31 8.93
HB MVA D 13 4.79 1.70 8.61
HG11 MVA D 13 2.86 3.00 7.71
HG12 MVA D 13 2.45 1.67 6.69
HG13 MVA D 13 3.96 2.47 6.48
HG21 MVA D 13 3.53 -0.53 7.00
HG22 MVA D 13 4.78 -0.74 8.19
HG23 MVA D 13 5.10 0.17 6.76
N ALA D 14 3.10 -1.12 10.64
CA ALA D 14 3.74 -2.10 11.53
C ALA D 14 4.88 -2.82 10.82
N VAL D 15 5.92 -3.11 11.59
CA VAL D 15 7.02 -3.94 11.15
C VAL D 15 6.89 -5.29 11.87
N LYS D 16 6.53 -6.33 11.09
CA LYS D 16 6.37 -7.69 11.64
C LYS D 16 7.36 -8.57 10.88
N ORN E 1 -5.23 -14.55 -2.11
CA ORN E 1 -3.98 -14.38 -1.36
CB ORN E 1 -2.79 -14.94 -2.13
CG ORN E 1 -2.72 -16.51 -2.02
CD ORN E 1 -2.23 -16.94 -0.64
NE ORN E 1 -0.91 -16.43 -0.42
C ORN E 1 -3.75 -12.91 -1.10
O ORN E 1 -4.17 -12.01 -1.84
H2 ORN E 1 -5.15 -14.29 -3.10
H ORN E 1 -6.01 -13.99 -1.75
HA ORN E 1 -4.14 -14.88 -0.40
HB2 ORN E 1 -2.85 -14.65 -3.18
HB3 ORN E 1 -1.89 -14.54 -1.66
HG2 ORN E 1 -2.02 -16.89 -2.78
HG3 ORN E 1 -3.70 -16.93 -2.21
HD2 ORN E 1 -2.91 -16.53 0.12
HD3 ORN E 1 -2.19 -18.04 -0.59
HE1 ORN E 1 -0.18 -16.86 -0.99
N TYR E 2 -3.03 -12.65 0.03
CA TYR E 2 -2.66 -11.32 0.44
C TYR E 2 -1.48 -10.79 -0.34
N LEU E 3 -1.46 -9.48 -0.52
CA LEU E 3 -0.36 -8.73 -1.11
C LEU E 3 0.27 -7.93 0.00
N LEU E 4 1.43 -8.37 0.46
CA LEU E 4 2.07 -7.84 1.67
C LEU E 4 3.40 -7.19 1.33
N PHI E 5 3.53 -5.90 1.64
N PHI E 5 3.55 -5.91 1.64
CA PHI E 5 4.83 -5.24 1.54
CA PHI E 5 4.83 -5.23 1.48
CB PHI E 5 4.85 -3.78 2.02
CB PHI E 5 4.66 -3.69 1.68
CG PHI E 5 3.80 -2.92 1.28
CG PHI E 5 4.01 -3.08 0.41
CD1 PHI E 5 3.91 -2.70 -0.15
CD1 PHI E 5 4.82 -2.74 -0.75
CD2 PHI E 5 2.75 -2.35 1.96
CD2 PHI E 5 2.67 -2.80 0.37
CE1 PHI E 5 3.00 -1.95 -0.80
CE1 PHI E 5 4.26 -2.18 -1.85
CE2 PHI E 5 1.83 -1.58 1.32
CE2 PHI E 5 2.09 -2.26 -0.75
CZ PHI E 5 1.94 -1.38 -0.10
CZ PHI E 5 2.89 -1.92 -1.92
I PHI E 5 0.55 -0.23 -1.16
I PHI E 5 1.98 -1.06 -3.65
C PHI E 5 5.76 -5.96 2.43
C PHI E 5 5.84 -5.89 2.39
O PHI E 5 5.37 -6.41 3.56
O PHI E 5 5.49 -6.31 3.54
H PHI E 5 2.85 -5.32 1.93
H PHI E 5 2.88 -5.33 1.99
HA PHI E 5 5.15 -5.29 0.63
HA PHI E 5 5.12 -5.36 0.57
HB2 PHI E 5 4.68 -3.74 2.92
HB2 PHI E 5 4.10 -3.54 2.42
HB3 PHI E 5 5.71 -3.41 1.85
HB3 PHI E 5 5.51 -3.28 1.84
HD1 PHI E 5 4.64 -3.09 -0.64
HD1 PHI E 5 5.77 -2.91 -0.73
HD2 PHI E 5 2.68 -2.50 2.97
HD2 PHI E 5 2.08 -3.04 1.18
HE1 PHI E 5 3.07 -1.80 -1.79
HE1 PHI E 5 4.84 -1.97 -2.65
HE2 PHI E 5 1.03 -1.16 1.85
HE2 PHI E 5 1.06 -2.07 -0.76
N TYR E 6 7.01 -6.09 2.02
N TYR E 6 7.08 -6.02 1.94
CA TYR E 6 8.01 -6.58 2.93
CA TYR E 6 8.06 -6.85 2.65
C TYR E 6 9.38 -6.18 2.48
C TYR E 6 9.46 -6.37 2.38
N THR E 7 10.29 -6.31 3.41
CA THR E 7 11.70 -6.06 3.17
C THR E 7 12.56 -6.80 4.18
N GLU E 8 13.76 -7.19 3.75
CA GLU E 8 14.79 -7.75 4.64
C GLU E 8 15.86 -6.69 5.00
N ORN E 9 18.59 -2.34 1.44
CA ORN E 9 17.57 -3.36 1.05
CB ORN E 9 17.15 -4.22 2.24
CG ORN E 9 16.70 -3.45 3.50
CD ORN E 9 16.63 -4.37 4.70
NE ORN E 9 15.69 -5.46 4.43
C ORN E 9 16.35 -2.63 0.50
O ORN E 9 16.16 -1.43 0.74
H2 ORN E 9 18.37 -1.85 2.31
H ORN E 9 18.73 -1.60 0.74
HA ORN E 9 18.01 -3.94 0.25
HB2 ORN E 9 18.01 -4.84 2.54
HB3 ORN E 9 16.32 -4.87 1.93
HG2 ORN E 9 17.41 -2.65 3.70
HG3 ORN E 9 15.70 -3.02 3.32
HD2 ORN E 9 17.62 -4.79 4.88
HD3 ORN E 9 16.27 -3.80 5.56
HE1 ORN E 9 14.91 -5.23 3.83
N LYS E 10 15.55 -3.36 -0.32
CA LYS E 10 14.38 -2.75 -0.93
C LYS E 10 13.11 -3.47 -0.54
N VAL E 11 12.01 -2.80 -0.80
CA VAL E 11 10.71 -3.36 -0.53
C VAL E 11 10.21 -4.20 -1.72
N ALA E 12 9.54 -5.30 -1.41
CA ALA E 12 8.92 -6.12 -2.42
C ALA E 12 7.48 -6.37 -2.06
N MVA E 13 6.65 -6.78 -3.03
CN MVA E 13 7.04 -6.96 -4.43
CA MVA E 13 5.28 -7.18 -2.66
CB MVA E 13 4.23 -6.58 -3.56
CG1 MVA E 13 4.44 -5.06 -3.67
CG2 MVA E 13 2.84 -6.90 -3.04
C MVA E 13 5.18 -8.69 -2.64
O MVA E 13 5.23 -9.31 -3.72
HN1 MVA E 13 6.43 -6.36 -5.04
HN2 MVA E 13 6.93 -7.97 -4.70
HN3 MVA E 13 8.06 -6.67 -4.55
HA MVA E 13 5.10 -6.80 -1.65
HB MVA E 13 4.33 -7.01 -4.56
HG11 MVA E 13 5.45 -4.86 -3.95
HG12 MVA E 13 4.24 -4.60 -2.74
HG13 MVA E 13 3.80 -4.67 -4.41
HG21 MVA E 13 2.68 -6.43 -2.11
HG22 MVA E 13 2.74 -7.95 -2.94
HG23 MVA E 13 2.11 -6.54 -3.74
N ALA E 14 5.07 -9.26 -1.45
CA ALA E 14 4.92 -10.72 -1.30
C ALA E 14 3.49 -11.09 -1.62
N VAL E 15 3.31 -12.24 -2.27
CA VAL E 15 2.00 -12.84 -2.47
C VAL E 15 1.89 -13.95 -1.45
N LYS E 16 0.94 -13.90 -0.56
CA LYS E 16 0.76 -14.93 0.49
C LYS E 16 -0.67 -15.39 0.42
N ORN F 1 -6.48 -3.00 14.10
CA ORN F 1 -6.50 -4.10 13.11
CB ORN F 1 -7.91 -4.43 12.64
CG ORN F 1 -8.74 -5.20 13.70
CD ORN F 1 -8.41 -6.67 13.73
NE ORN F 1 -8.55 -7.27 12.43
C ORN F 1 -5.67 -3.72 11.89
O ORN F 1 -5.56 -2.55 11.55
H2 ORN F 1 -7.06 -2.21 13.83
H ORN F 1 -5.54 -2.61 14.25
HA ORN F 1 -6.02 -4.95 13.59
HB2 ORN F 1 -8.45 -3.51 12.38
HB3 ORN F 1 -7.83 -5.09 11.76
HG2 ORN F 1 -9.81 -5.08 13.47
HG3 ORN F 1 -8.54 -4.76 14.69
HD2 ORN F 1 -7.37 -6.80 14.07
HD3 ORN F 1 -9.10 -7.17 14.41
HE1 ORN F 1 -9.49 -7.50 12.17
N TYR F 2 -5.15 -4.78 11.20
CA TYR F 2 -4.36 -4.64 10.01
C TYR F 2 -5.30 -4.36 8.82
N LEU F 3 -4.74 -3.64 7.87
CA LEU F 3 -5.36 -3.26 6.59
C LEU F 3 -4.48 -3.93 5.51
N LEU F 4 -4.99 -5.01 4.95
CA LEU F 4 -4.17 -5.91 4.14
C LEU F 4 -4.78 -6.06 2.75
N PHI F 5 -4.06 -5.61 1.76
CA PHI F 5 -4.51 -5.83 0.40
CB PHI F 5 -3.56 -5.10 -0.52
CG PHI F 5 -3.91 -3.59 -0.54
CD1 PHI F 5 -4.81 -3.04 -1.52
CD2 PHI F 5 -3.35 -2.74 0.34
CE1 PHI F 5 -5.13 -1.72 -1.61
CE2 PHI F 5 -3.67 -1.40 0.25
CZ PHI F 5 -4.56 -0.85 -0.74
I PHI F 5 -4.95 1.24 -0.82
C PHI F 5 -4.54 -7.29 0.08
O PHI F 5 -3.65 -8.09 0.51
H PHI F 5 -3.23 -5.15 1.80
HA PHI F 5 -5.39 -5.45 0.30
HB2 PHI F 5 -2.69 -5.21 -0.21
HB3 PHI F 5 -3.63 -5.46 -1.41
HD1 PHI F 5 -5.21 -3.63 -2.17
HD2 PHI F 5 -2.69 -3.07 1.06
HE1 PHI F 5 -5.75 -1.38 -2.33
HE2 PHI F 5 -3.22 -0.76 0.92
N TYR F 6 -5.52 -7.70 -0.73
CA TYR F 6 -5.59 -9.09 -1.20
C TYR F 6 -6.36 -9.19 -2.49
N THR F 7 -6.16 -10.30 -3.18
CA THR F 7 -6.93 -10.59 -4.38
C THR F 7 -7.18 -12.08 -4.47
N GLU F 8 -8.39 -12.46 -4.90
CA GLU F 8 -8.66 -13.87 -5.21
C GLU F 8 -8.57 -14.13 -6.71
N ORN F 9 -9.90 -10.71 -11.68
CA ORN F 9 -10.17 -10.45 -10.27
CB ORN F 9 -9.69 -11.63 -9.39
CG ORN F 9 -8.27 -12.02 -9.63
CD ORN F 9 -7.83 -13.29 -8.92
NE ORN F 9 -7.99 -13.15 -7.49
C ORN F 9 -9.47 -9.13 -9.88
O ORN F 9 -8.57 -8.63 -10.56
H2 ORN F 9 -8.95 -11.05 -11.85
H ORN F 9 -10.00 -9.88 -12.26
HA ORN F 9 -11.25 -10.28 -10.21
HB2 ORN F 9 -10.32 -12.51 -9.59
HB3 ORN F 9 -9.79 -11.35 -8.33
HG2 ORN F 9 -7.61 -11.19 -9.31
HG3 ORN F 9 -8.13 -12.16 -10.71
HD2 ORN F 9 -8.45 -14.12 -9.27
HD3 ORN F 9 -6.78 -13.46 -9.15
HE1 ORN F 9 -7.61 -12.29 -7.08
N LYS F 10 -9.95 -8.47 -8.79
CA LYS F 10 -9.37 -7.19 -8.40
C LYS F 10 -8.89 -7.28 -6.99
N VAL F 11 -8.30 -6.19 -6.53
CA VAL F 11 -7.76 -6.14 -5.19
C VAL F 11 -8.78 -5.54 -4.22
N ALA F 12 -8.73 -5.98 -2.99
CA ALA F 12 -9.58 -5.41 -1.93
C ALA F 12 -8.76 -5.19 -0.67
N MVA F 13 -9.27 -4.38 0.26
CN MVA F 13 -10.53 -3.64 0.13
CA MVA F 13 -8.59 -4.24 1.55
CB MVA F 13 -8.34 -2.81 2.00
CG1 MVA F 13 -7.70 -1.97 0.89
CG2 MVA F 13 -7.51 -2.71 3.30
C MVA F 13 -9.27 -5.03 2.63
O MVA F 13 -10.39 -4.69 3.05
HN1 MVA F 13 -10.34 -2.60 0.23
HN2 MVA F 13 -11.19 -3.94 0.90
HN3 MVA F 13 -10.97 -3.84 -0.81
HA MVA F 13 -7.59 -4.71 1.42
HB MVA F 13 -9.32 -2.36 2.22
HG11 MVA F 13 -8.27 -2.07 0.00
HG12 MVA F 13 -6.72 -2.30 0.71
HG13 MVA F 13 -7.69 -0.95 1.18
HG21 MVA F 13 -6.54 -3.09 3.12
HG22 MVA F 13 -7.97 -3.29 4.06
HG23 MVA F 13 -7.45 -1.71 3.61
N ALA F 14 -8.62 -6.08 3.11
CA ALA F 14 -9.11 -6.79 4.27
C ALA F 14 -8.82 -6.05 5.54
N VAL F 15 -9.74 -6.17 6.48
CA VAL F 15 -9.55 -5.67 7.84
C VAL F 15 -9.35 -6.90 8.75
N LYS F 16 -8.21 -6.99 9.36
CA LYS F 16 -7.82 -8.08 10.26
C LYS F 16 -7.47 -7.49 11.61
N ORN G 1 -10.75 15.13 0.35
CA ORN G 1 -11.13 14.40 1.58
CB ORN G 1 -12.56 13.85 1.46
CG ORN G 1 -13.63 14.96 1.33
CD ORN G 1 -13.79 15.71 2.66
NE ORN G 1 -14.22 14.83 3.71
C ORN G 1 -10.15 13.23 1.89
O ORN G 1 -9.32 12.85 1.08
H2 ORN G 1 -10.99 14.62 -0.51
H ORN G 1 -9.75 15.32 0.28
HA ORN G 1 -11.04 15.13 2.39
HB2 ORN G 1 -12.63 13.18 0.59
HB3 ORN G 1 -12.78 13.29 2.38
HG2 ORN G 1 -14.59 14.49 1.06
HG3 ORN G 1 -13.34 15.64 0.53
HD2 ORN G 1 -12.83 16.16 2.92
HD3 ORN G 1 -14.55 16.48 2.52
HE1 ORN G 1 -15.21 14.62 3.72
N TYR G 2 -10.28 12.67 3.13
CA TYR G 2 -9.47 11.54 3.56
C TYR G 2 -10.34 10.47 4.22
N LEU G 3 -9.84 9.23 4.24
CA LEU G 3 -10.50 8.13 4.92
C LEU G 3 -10.22 8.16 6.43
N LEU G 4 -11.30 8.24 7.19
CA LEU G 4 -11.28 8.26 8.65
C LEU G 4 -11.72 6.91 9.18
N PHI G 5 -10.84 6.21 9.86
CA PHI G 5 -11.18 4.95 10.51
CB PHI G 5 -9.95 4.01 10.58
CG PHI G 5 -9.46 3.70 9.18
CD1 PHI G 5 -9.91 2.48 8.53
CD2 PHI G 5 -8.60 4.54 8.54
CE1 PHI G 5 -9.45 2.20 7.27
CE2 PHI G 5 -8.14 4.26 7.28
CZ PHI G 5 -8.59 3.06 6.61
I PHI G 5 -7.91 2.55 4.67
C PHI G 5 -11.62 5.24 11.89
O PHI G 5 -11.03 6.15 12.56
H PHI G 5 -9.93 6.43 10.00
HA PHI G 5 -11.90 4.52 10.03
HB2 PHI G 5 -9.27 4.44 11.05
HB3 PHI G 5 -10.19 3.20 11.04
HD1 PHI G 5 -10.51 1.89 8.98
HD2 PHI G 5 -8.28 5.40 9.01
HE1 PHI G 5 -9.77 1.36 6.82
HE2 PHI G 5 -7.48 4.91 6.80
N TYR G 6 -12.60 4.52 12.39
CA TYR G 6 -13.06 4.70 13.74
C TYR G 6 -13.65 3.39 14.23
N THR G 7 -13.61 3.19 15.54
CA THR G 7 -14.09 1.95 16.12
C THR G 7 -15.47 2.11 16.71
N GLU G 8 -16.28 1.09 16.51
CA GLU G 8 -17.58 1.01 17.14
C GLU G 8 -17.58 -0.26 17.97
N ORN G 9 -14.25 -4.32 19.64
CA ORN G 9 -15.10 -3.51 18.72
CB ORN G 9 -15.05 -2.04 19.11
CG ORN G 9 -15.79 -1.73 20.42
CD ORN G 9 -17.25 -1.21 20.24
NE ORN G 9 -17.30 -0.10 19.31
C ORN G 9 -14.67 -3.74 17.23
O ORN G 9 -13.72 -4.47 16.95
H2 ORN G 9 -13.32 -3.92 19.79
H ORN G 9 -14.10 -5.28 19.31
HA ORN G 9 -16.12 -3.93 18.82
HB2 ORN G 9 -14.00 -1.71 19.20
HB3 ORN G 9 -15.56 -1.47 18.31
HG2 ORN G 9 -15.23 -0.97 20.97
HG3 ORN G 9 -15.82 -2.65 21.03
HD2 ORN G 9 -17.86 -2.03 19.83
HD3 ORN G 9 -17.64 -0.89 21.20
HE1 ORN G 9 -17.10 0.81 19.72
N LYS G 10 -15.40 -3.08 16.28
CA LYS G 10 -15.11 -3.22 14.85
C LYS G 10 -14.81 -1.88 14.19
N VAL G 11 -13.92 -1.93 13.20
CA VAL G 11 -13.54 -0.74 12.44
C VAL G 11 -14.59 -0.36 11.42
N ALA G 12 -14.89 0.93 11.37
CA ALA G 12 -15.80 1.50 10.38
C ALA G 12 -15.07 2.62 9.63
N MVA G 13 -15.51 2.98 8.42
CN MVA G 13 -16.61 2.29 7.71
CA MVA G 13 -14.77 3.98 7.65
CB MVA G 13 -14.01 3.29 6.49
CG1 MVA G 13 -13.24 2.07 6.98
CG2 MVA G 13 -13.06 4.26 5.80
C MVA G 13 -15.63 5.09 7.05
O MVA G 13 -16.55 4.85 6.23
HN1 MVA G 13 -16.22 1.76 6.88
HN2 MVA G 13 -17.31 3.02 7.36
HN3 MVA G 13 -17.10 1.63 8.37
HA MVA G 13 -14.03 4.44 8.31
HB MVA G 13 -14.75 2.95 5.75
HG11 MVA G 13 -13.89 1.44 7.52
HG12 MVA G 13 -12.44 2.39 7.59
HG13 MVA G 13 -12.85 1.55 6.13
HG21 MVA G 13 -12.30 4.55 6.47
HG22 MVA G 13 -13.61 5.11 5.48
HG23 MVA G 13 -12.64 3.79 4.96
N ALA G 14 -15.29 6.32 7.42
CA ALA G 14 -15.92 7.50 6.89
C ALA G 14 -14.99 8.27 5.95
N VAL G 15 -15.57 9.17 5.16
CA VAL G 15 -14.81 10.00 4.26
C VAL G 15 -14.97 11.44 4.72
N LYS G 16 -13.91 12.02 5.23
CA LYS G 16 -13.99 13.38 5.68
C LYS G 16 -13.35 14.31 4.65
N ORN H 1 -13.75 -9.59 7.20
CA ORN H 1 -14.44 -8.57 6.37
CB ORN H 1 -15.32 -7.64 7.26
CG ORN H 1 -16.49 -8.38 7.97
CD ORN H 1 -17.50 -8.91 6.98
NE ORN H 1 -18.14 -7.83 6.26
C ORN H 1 -13.44 -7.73 5.62
O ORN H 1 -12.27 -7.62 5.96
H2 ORN H 1 -13.32 -9.20 8.04
H ORN H 1 -12.99 -10.07 6.70
HA ORN H 1 -15.03 -9.14 5.63
HB2 ORN H 1 -14.71 -7.15 8.03
HB3 ORN H 1 -15.78 -6.88 6.61
HG2 ORN H 1 -16.99 -7.70 8.66
HG3 ORN H 1 -16.08 -9.23 8.53
HD2 ORN H 1 -17.00 -9.56 6.26
HD3 ORN H 1 -18.27 -9.46 7.53
HE1 ORN H 1 -18.91 -7.38 6.76
N TYR H 2 -13.95 -7.07 4.55
CA TYR H 2 -13.17 -6.17 3.74
C TYR H 2 -13.89 -4.86 3.55
N LEU H 3 -13.13 -3.86 3.18
CA LEU H 3 -13.64 -2.54 2.88
C LEU H 3 -14.22 -2.53 1.48
N LEU H 4 -15.50 -2.21 1.39
CA LEU H 4 -16.20 -2.11 0.13
C LEU H 4 -16.33 -0.63 -0.21
N PHI H 5 -15.82 -0.20 -1.36
CA PHI H 5 -16.01 1.16 -1.85
CB PHI H 5 -14.78 1.57 -2.71
CG PHI H 5 -13.52 1.57 -1.82
CD1 PHI H 5 -13.12 2.77 -1.13
CD2 PHI H 5 -12.78 0.41 -1.70
CE1 PHI H 5 -12.03 2.76 -0.33
CE2 PHI H 5 -11.67 0.42 -0.91
CZ PHI H 5 -11.26 1.62 -0.22
I PHI H 5 -9.54 1.53 1.00
C PHI H 5 -17.23 1.20 -2.71
O PHI H 5 -17.57 0.20 -3.45
H PHI H 5 -15.30 -0.72 -1.95
HA PHI H 5 -16.11 1.77 -1.10
HB2 PHI H 5 -14.92 2.41 -3.05
HB3 PHI H 5 -14.67 0.94 -3.42
HD1 PHI H 5 -13.65 3.56 -1.21
HD2 PHI H 5 -13.06 -0.44 -2.20
HE1 PHI H 5 -11.74 3.60 0.15
HE2 PHI H 5 -11.10 -0.45 -0.81
N TYR H 6 -17.92 2.33 -2.68
CA TYR H 6 -19.02 2.53 -3.63
C TYR H 6 -19.14 3.99 -3.98
N THR H 7 -19.73 4.28 -5.12
CA THR H 7 -19.89 5.65 -5.54
C THR H 7 -21.23 6.20 -5.07
N GLU H 8 -21.22 7.37 -4.45
CA GLU H 8 -22.47 8.08 -4.20
C GLU H 8 -22.60 9.20 -5.20
N ORN H 9 -19.75 11.80 -9.00
CA ORN H 9 -20.12 11.27 -7.66
CB ORN H 9 -20.72 9.90 -7.81
CG ORN H 9 -22.11 9.88 -8.45
CD ORN H 9 -23.30 9.87 -7.46
NE ORN H 9 -23.15 8.88 -6.42
C ORN H 9 -18.84 11.20 -6.75
O ORN H 9 -17.74 11.53 -7.17
H2 ORN H 9 -20.56 12.10 -9.56
H ORN H 9 -19.26 11.13 -9.59
HA ORN H 9 -20.81 11.99 -7.21
HB2 ORN H 9 -20.05 9.26 -8.39
HB3 ORN H 9 -20.84 9.49 -6.79
HG2 ORN H 9 -22.18 9.00 -9.10
HG3 ORN H 9 -22.20 10.78 -9.09
HD2 ORN H 9 -23.37 10.85 -6.99
HD3 ORN H 9 -24.21 9.65 -8.03
HE1 ORN H 9 -23.48 7.95 -6.66
N LYS H 10 -19.04 10.79 -5.46
CA LYS H 10 -17.97 10.71 -4.47
C LYS H 10 -17.84 9.31 -3.91
N VAL H 11 -16.61 8.94 -3.56
CA VAL H 11 -16.31 7.64 -2.98
C VAL H 11 -16.84 7.56 -1.56
N ALA H 12 -17.48 6.41 -1.23
CA ALA H 12 -17.93 6.11 0.12
C ALA H 12 -17.46 4.72 0.54
N MVA H 13 -17.32 4.47 1.84
CN MVA H 13 -17.56 5.46 2.89
CA MVA H 13 -16.85 3.15 2.25
CB MVA H 13 -15.48 3.25 2.92
CG1 MVA H 13 -14.56 4.17 2.11
CG2 MVA H 13 -14.84 1.91 3.12
C MVA H 13 -17.76 2.40 3.20
O MVA H 13 -18.26 2.95 4.20
HN1 MVA H 13 -16.65 5.66 3.40
HN2 MVA H 13 -18.27 5.08 3.58
HN3 MVA H 13 -17.93 6.35 2.47
HA MVA H 13 -16.73 2.54 1.35
HB MVA H 13 -15.62 3.71 3.91
HG11 MVA H 13 -15.06 5.09 1.92
HG12 MVA H 13 -14.32 3.70 1.19
HG13 MVA H 13 -13.67 4.35 2.66
HG21 MVA H 13 -14.63 1.47 2.18
HG22 MVA H 13 -15.51 1.29 3.66
HG23 MVA H 13 -13.94 2.03 3.67
N ALA H 14 -17.98 1.13 2.90
CA ALA H 14 -18.72 0.24 3.77
C ALA H 14 -17.85 -0.92 4.15
N VAL H 15 -18.31 -1.70 5.11
CA VAL H 15 -17.57 -2.87 5.58
C VAL H 15 -18.43 -4.08 5.32
N LYS H 16 -17.84 -5.08 4.70
CA LYS H 16 -18.54 -6.31 4.39
C LYS H 16 -17.76 -7.46 5.00
N ORN I 1 5.90 -16.50 -3.15
CA ORN I 1 6.37 -15.77 -4.33
CB ORN I 1 5.59 -16.20 -5.59
CG ORN I 1 5.89 -17.65 -6.03
CD ORN I 1 7.34 -17.82 -6.50
NE ORN I 1 7.58 -16.99 -7.69
C ORN I 1 6.19 -14.26 -4.12
O ORN I 1 5.49 -13.82 -3.21
H2 ORN I 1 4.89 -16.55 -3.06
H ORN I 1 6.22 -16.09 -2.26
HA ORN I 1 7.44 -15.96 -4.40
HB2 ORN I 1 4.51 -16.09 -5.41
HB3 ORN I 1 5.90 -15.54 -6.41
HG2 ORN I 1 5.22 -17.92 -6.85
HG3 ORN I 1 5.70 -18.32 -5.18
HD2 ORN I 1 8.01 -17.50 -5.70
HD3 ORN I 1 7.51 -18.87 -6.77
HE1 ORN I 1 7.29 -17.41 -8.57
N TYR I 2 6.84 -13.46 -5.00
N TYR I 2 6.88 -13.47 -5.00
CA TYR I 2 6.71 -12.01 -4.94
CA TYR I 2 6.84 -12.02 -4.99
C TYR I 2 6.44 -11.45 -6.33
C TYR I 2 6.40 -11.47 -6.34
N LEU I 3 5.82 -10.29 -6.34
CA LEU I 3 5.55 -9.58 -7.57
C LEU I 3 6.85 -8.90 -8.05
N LEU I 4 7.28 -9.27 -9.25
CA LEU I 4 8.49 -8.74 -9.84
C LEU I 4 8.09 -7.78 -10.95
N PHI I 5 8.52 -6.54 -10.85
CA PHI I 5 8.21 -5.53 -11.84
CB PHI I 5 8.07 -4.13 -11.15
CG PHI I 5 6.84 -4.10 -10.22
CD1 PHI I 5 5.58 -3.59 -10.71
CD2 PHI I 5 6.93 -4.61 -8.96
CE1 PHI I 5 4.51 -3.60 -9.88
CE2 PHI I 5 5.85 -4.62 -8.12
CZ PHI I 5 4.59 -4.10 -8.60
I PHI I 5 2.90 -4.04 -7.36
C PHI I 5 9.31 -5.40 -12.82
O PHI I 5 10.53 -5.53 -12.48
H PHI I 5 9.05 -6.19 -10.15
HA PHI I 5 7.39 -5.75 -12.31
HB2 PHI I 5 8.83 -3.97 -10.64
HB3 PHI I 5 7.97 -3.45 -11.81
HD1 PHI I 5 5.51 -3.24 -11.61
HD2 PHI I 5 7.85 -4.98 -8.62
HE1 PHI I 5 3.63 -3.23 -10.20
HE2 PHI I 5 5.93 -4.99 -7.15
N TYR I 6 8.97 -5.11 -14.04
CA TYR I 6 10.00 -4.73 -14.96
C TYR I 6 9.49 -3.68 -15.93
N THR I 7 10.41 -2.82 -16.34
CA THR I 7 10.07 -1.66 -17.15
C THR I 7 10.84 -1.86 -18.43
N GLU I 8 10.11 -2.25 -19.45
CA GLU I 8 10.67 -2.92 -20.61
C GLU I 8 11.18 -1.98 -21.67
N ORN I 9 7.46 1.56 -23.97
CA ORN I 9 7.31 0.19 -23.37
CB ORN I 9 8.67 -0.49 -23.18
CG ORN I 9 10.00 0.36 -23.62
CD ORN I 9 11.18 0.27 -22.58
NE ORN I 9 10.80 -0.67 -21.57
C ORN I 9 6.59 0.29 -21.98
O ORN I 9 7.02 1.04 -21.08
H2 ORN I 9 8.19 2.12 -23.53
H ORN I 9 6.61 2.13 -23.90
HA ORN I 9 6.65 -0.35 -24.06
HB2 ORN I 9 8.78 -0.71 -22.12
HB3 ORN I 9 8.68 -1.43 -23.76
HG2 ORN I 9 9.71 1.41 -23.73
HG3 ORN I 9 10.35 -0.01 -24.59
HD2 ORN I 9 12.07 -0.09 -23.10
HD3 ORN I 9 11.34 1.25 -22.14
HE1 ORN I 9 10.20 -0.32 -20.83
N LYS I 10 5.46 -0.48 -21.80
CA LYS I 10 4.70 -0.47 -20.54
C LYS I 10 5.32 -1.39 -19.50
N VAL I 11 5.02 -1.11 -18.22
CA VAL I 11 5.45 -1.93 -17.08
C VAL I 11 4.86 -3.29 -17.25
N ALA I 12 5.57 -4.31 -16.78
CA ALA I 12 5.04 -5.65 -16.83
C ALA I 12 5.28 -6.29 -15.46
N MVA I 13 4.41 -7.20 -15.06
CN MVA I 13 3.19 -7.57 -15.84
CA MVA I 13 4.56 -7.82 -13.74
CB MVA I 13 3.48 -7.30 -12.77
CG1 MVA I 13 3.49 -5.76 -12.81
CG2 MVA I 13 3.69 -7.81 -11.36
C MVA I 13 4.56 -9.32 -13.73
O MVA I 13 3.61 -9.96 -14.18
HN1 MVA I 13 2.32 -7.25 -15.31
HN2 MVA I 13 3.15 -8.62 -15.97
HN3 MVA I 13 3.21 -7.10 -16.78
HA MVA I 13 5.54 -7.50 -13.35
HB MVA I 13 2.50 -7.65 -13.11
HG11 MVA I 13 3.41 -5.44 -13.82
HG12 MVA I 13 4.39 -5.39 -12.39
HG13 MVA I 13 2.66 -5.39 -12.26
HG21 MVA I 13 4.61 -7.42 -10.98
HG22 MVA I 13 3.75 -8.87 -11.39
HG23 MVA I 13 2.90 -7.51 -10.75
N ALA I 14 5.60 -9.91 -13.20
CA ALA I 14 5.68 -11.36 -13.09
C ALA I 14 5.46 -11.74 -11.64
N VAL I 15 5.06 -12.99 -11.44
CA VAL I 15 5.06 -13.58 -10.13
C VAL I 15 6.21 -14.55 -10.05
N LYS I 16 7.15 -14.25 -9.19
CA LYS I 16 8.33 -15.07 -8.99
C LYS I 16 8.19 -15.75 -7.65
N ORN J 1 -2.22 2.90 -17.77
CA ORN J 1 -2.84 1.53 -17.64
CB ORN J 1 -2.03 0.52 -18.42
CG ORN J 1 -2.13 0.67 -19.95
CD ORN J 1 -3.52 0.27 -20.48
NE ORN J 1 -3.72 -1.16 -20.31
C ORN J 1 -2.88 1.12 -16.17
O ORN J 1 -2.32 1.79 -15.31
H2 ORN J 1 -1.21 2.90 -17.64
H ORN J 1 -2.57 3.57 -17.08
HA ORN J 1 -3.87 1.64 -17.98
HB2 ORN J 1 -0.97 0.56 -18.13
HB3 ORN J 1 -2.44 -0.48 -18.18
HG2 ORN J 1 -1.38 0.02 -20.42
HG3 ORN J 1 -1.92 1.72 -20.22
HD2 ORN J 1 -4.28 0.81 -19.92
HD3 ORN J 1 -3.57 0.52 -21.54
HE1 ORN J 1 -3.32 -1.75 -21.04
N TYR J 2 -3.56 -0.04 -15.90
CA TYR J 2 -3.62 -0.58 -14.56
C TYR J 2 -3.24 -2.08 -14.56
N LEU J 3 -2.88 -2.59 -13.39
CA LEU J 3 -2.55 -3.97 -13.20
C LEU J 3 -3.81 -4.78 -12.97
N LEU J 4 -3.99 -5.77 -13.82
CA LEU J 4 -5.10 -6.69 -13.77
C LEU J 4 -4.62 -8.03 -13.22
N PHI J 5 -5.30 -8.57 -12.23
CA PHI J 5 -4.94 -9.86 -11.64
CB PHI J 5 -5.14 -9.76 -10.11
CG PHI J 5 -4.15 -8.74 -9.51
CD1 PHI J 5 -4.48 -7.34 -9.47
CD2 PHI J 5 -2.95 -9.19 -9.03
CE1 PHI J 5 -3.58 -6.46 -8.95
CE2 PHI J 5 -2.04 -8.31 -8.52
CZ PHI J 5 -2.38 -6.92 -8.46
I PHI J 5 -1.01 -5.53 -7.66
C PHI J 5 -5.86 -10.92 -12.17
O PHI J 5 -7.06 -10.65 -12.44
H PHI J 5 -6.06 -8.19 -11.81
HA PHI J 5 -4.03 -10.07 -11.85
HB2 PHI J 5 -6.00 -9.49 -9.93
HB3 PHI J 5 -5.00 -10.62 -9.71
HD1 PHI J 5 -5.32 -7.02 -9.81
HD2 PHI J 5 -2.73 -10.19 -9.08
HE1 PHI J 5 -3.81 -5.48 -8.91
HE2 PHI J 5 -1.12 -8.66 -8.14
N TYR J 6 -5.33 -12.10 -12.39
CA TYR J 6 -6.14 -13.25 -12.80
C TYR J 6 -5.57 -14.55 -12.22
N THR J 7 -6.43 -15.58 -12.11
N THR J 7 -6.43 -15.58 -12.13
CA THR J 7 -6.02 -16.86 -11.60
CA THR J 7 -6.02 -16.86 -11.60
C THR J 7 -5.48 -17.77 -12.72
C THR J 7 -5.48 -17.76 -12.72
N GLU J 8 -4.30 -18.35 -12.49
CA GLU J 8 -3.67 -19.27 -13.44
C GLU J 8 -3.48 -20.59 -12.73
N ORN J 9 -3.19 -23.69 -8.57
CA ORN J 9 -3.12 -22.39 -9.32
CB ORN J 9 -4.53 -21.90 -9.75
CG ORN J 9 -5.21 -22.77 -10.85
CD ORN J 9 -4.46 -22.78 -12.19
NE ORN J 9 -4.52 -21.48 -12.83
C ORN J 9 -2.46 -21.28 -8.47
O ORN J 9 -2.34 -21.39 -7.24
H2 ORN J 9 -2.31 -23.92 -8.08
H ORN J 9 -3.91 -23.71 -7.85
HA ORN J 9 -2.47 -22.56 -10.17
HB2 ORN J 9 -4.45 -20.87 -10.13
HB3 ORN J 9 -5.18 -21.92 -8.86
HG2 ORN J 9 -5.29 -23.80 -10.48
HG3 ORN J 9 -6.22 -22.38 -11.02
HD2 ORN J 9 -4.93 -23.52 -12.85
HD3 ORN J 9 -3.40 -23.04 -12.01
HE1 ORN J 9 -5.37 -21.29 -13.37
N LYS J 10 -2.06 -20.18 -9.17
CA LYS J 10 -1.44 -19.02 -8.56
C LYS J 10 -2.04 -17.76 -9.19
N VAL J 11 -2.01 -16.67 -8.46
N VAL J 11 -1.98 -16.67 -8.46
CA VAL J 11 -2.40 -15.40 -9.04
CA VAL J 11 -2.37 -15.39 -9.01
C VAL J 11 -1.38 -15.06 -10.12
C VAL J 11 -1.35 -14.96 -10.07
N ALA J 12 -1.84 -14.38 -11.17
CA ALA J 12 -0.97 -13.90 -12.23
C ALA J 12 -1.31 -12.44 -12.54
N MVA J 13 -0.35 -11.69 -13.10
CN MVA J 13 1.00 -12.15 -13.38
CA MVA J 13 -0.61 -10.27 -13.36
CB MVA J 13 0.28 -9.36 -12.49
CG1 MVA J 13 0.31 -9.83 -11.04
CG2 MVA J 13 -0.17 -7.89 -12.56
C MVA J 13 -0.49 -9.87 -14.82
O MVA J 13 0.47 -10.24 -15.50
HN1 MVA J 13 1.68 -11.64 -12.75
HN2 MVA J 13 1.23 -11.94 -14.39
HN3 MVA J 13 1.06 -13.19 -13.20
HA MVA J 13 -1.65 -10.07 -13.05
HB MVA J 13 1.30 -9.42 -12.89
HG11 MVA J 13 0.54 -10.87 -11.00
HG12 MVA J 13 -0.64 -9.68 -10.60
HG13 MVA J 13 1.04 -9.28 -10.50
HG21 MVA J 13 -1.12 -7.80 -12.12
HG22 MVA J 13 -0.21 -7.58 -13.57
HG23 MVA J 13 0.53 -7.30 -12.04
N ALA J 14 -1.47 -9.13 -15.30
CA ALA J 14 -1.43 -8.55 -16.63
C ALA J 14 -1.58 -7.05 -16.55
N VAL J 15 -1.54 -6.41 -17.71
CA VAL J 15 -1.64 -4.98 -17.75
C VAL J 15 -2.68 -4.59 -18.77
N LYS J 16 -3.55 -3.66 -18.32
CA LYS J 16 -4.57 -3.17 -19.21
C LYS J 16 -4.45 -1.66 -19.26
N ORN K 1 11.74 13.09 -2.63
CA ORN K 1 12.76 12.21 -2.03
CB ORN K 1 13.13 12.67 -0.64
CG ORN K 1 13.94 14.00 -0.65
CD ORN K 1 15.41 13.81 -1.12
NE ORN K 1 16.16 12.92 -0.20
C ORN K 1 12.18 10.82 -1.96
O ORN K 1 11.06 10.56 -2.37
H2 ORN K 1 10.98 13.32 -1.98
H ORN K 1 11.29 12.70 -3.45
HA ORN K 1 13.60 12.19 -2.72
HB2 ORN K 1 12.23 12.80 -0.03
HB3 ORN K 1 13.78 11.90 -0.20
HG2 ORN K 1 13.95 14.41 0.37
HG3 ORN K 1 13.44 14.72 -1.32
HD2 ORN K 1 15.39 13.36 -2.12
HD3 ORN K 1 15.89 14.78 -1.14
HE1 ORN K 1 16.59 13.37 0.59
N TYR K 2 13.01 9.87 -1.44
CA TYR K 2 12.58 8.48 -1.29
C TYR K 2 13.15 7.91 -0.02
N LEU K 3 12.50 6.85 0.46
CA LEU K 3 12.97 6.19 1.68
C LEU K 3 13.96 5.12 1.32
N LEU K 4 15.11 5.19 1.98
CA LEU K 4 16.21 4.27 1.80
C LEU K 4 16.28 3.37 3.04
N PHI K 5 16.36 2.06 2.83
CA PHI K 5 16.45 1.10 3.92
CB PHI K 5 15.46 -0.09 3.71
CG PHI K 5 13.98 0.37 3.69
CD1 PHI K 5 13.19 0.25 4.92
CD2 PHI K 5 13.39 0.90 2.55
CE1 PHI K 5 11.88 0.67 4.91
CE2 PHI K 5 12.08 1.30 2.55
CZ PHI K 5 11.30 1.17 3.76
I PHI K 5 9.30 1.81 3.69
C PHI K 5 17.83 0.48 3.91
O PHI K 5 18.28 0.01 2.80
H PHI K 5 16.37 1.64 2.00
HA PHI K 5 16.29 1.53 4.77
HB2 PHI K 5 15.65 -0.48 2.90
HB3 PHI K 5 15.59 -0.72 4.41
HD1 PHI K 5 13.58 -0.10 5.71
HD2 PHI K 5 13.94 0.99 1.69
HE1 PHI K 5 11.33 0.58 5.74
HE2 PHI K 5 11.65 1.68 1.68
N TYR K 6 18.52 0.50 5.04
CA TYR K 6 19.86 -0.08 5.16
C TYR K 6 20.04 -0.63 6.57
N THR K 7 20.87 -1.67 6.67
CA THR K 7 21.06 -2.37 7.94
C THR K 7 22.33 -1.89 8.59
N GLU K 8 22.21 -1.53 9.87
CA GLU K 8 23.36 -1.21 10.69
C GLU K 8 23.50 -2.19 11.85
N ORN K 9 22.21 -6.42 14.62
CA ORN K 9 21.96 -5.21 13.75
CB ORN K 9 22.63 -5.38 12.39
CG ORN K 9 24.15 -5.44 12.49
CD ORN K 9 24.79 -4.07 12.82
NE ORN K 9 24.53 -3.10 11.76
C ORN K 9 20.47 -5.00 13.54
O ORN K 9 19.65 -5.90 13.69
H2 ORN K 9 22.07 -7.30 14.12
H ORN K 9 21.60 -6.47 15.43
HA ORN K 9 22.35 -4.36 14.32
HB2 ORN K 9 22.28 -6.29 11.90
HB3 ORN K 9 22.39 -4.49 11.79
HG2 ORN K 9 24.55 -5.78 11.53
HG3 ORN K 9 24.44 -6.16 13.27
HD2 ORN K 9 24.35 -3.71 13.76
HD3 ORN K 9 25.86 -4.20 12.93
HE1 ORN K 9 25.18 -3.13 10.98
N LYS K 10 20.13 -3.71 13.17
CA LYS K 10 18.75 -3.35 12.91
C LYS K 10 18.67 -2.52 11.64
N VAL K 11 17.54 -2.60 10.96
CA VAL K 11 17.32 -1.83 9.74
C VAL K 11 17.01 -0.40 10.08
N ALA K 12 17.68 0.51 9.39
CA ALA K 12 17.49 1.94 9.59
C ALA K 12 16.80 2.55 8.37
N MVA K 13 16.03 3.63 8.55
CN MVA K 13 15.69 4.20 9.88
CA MVA K 13 15.42 4.28 7.39
CB MVA K 13 13.90 4.23 7.42
CG1 MVA K 13 13.40 2.82 7.73
CG2 MVA K 13 13.28 4.69 6.10
C MVA K 13 15.86 5.69 7.23
O MVA K 13 15.77 6.52 8.16
HN1 MVA K 13 14.65 4.08 10.04
HN2 MVA K 13 15.94 5.22 9.90
HN3 MVA K 13 16.23 3.68 10.64
HA MVA K 13 15.75 3.72 6.50
HB MVA K 13 13.55 4.90 8.22
HG11 MVA K 13 13.87 2.46 8.59
HG12 MVA K 13 13.61 2.18 6.91
HG13 MVA K 13 12.35 2.85 7.89
HG21 MVA K 13 13.54 4.01 5.33
HG22 MVA K 13 13.65 5.66 5.86
HG23 MVA K 13 12.23 4.74 6.21
N ALA K 14 16.33 6.00 6.03
CA ALA K 14 16.74 7.36 5.71
C ALA K 14 15.84 7.92 4.63
N VAL K 15 15.63 9.23 4.66
CA VAL K 15 14.91 9.90 3.61
C VAL K 15 15.96 10.59 2.78
N LYS K 16 16.11 10.17 1.55
CA LYS K 16 17.05 10.75 0.58
C LYS K 16 16.26 11.57 -0.44
N ORN L 1 7.73 -3.59 15.94
CA ORN L 1 7.73 -2.11 16.04
CB ORN L 1 9.15 -1.56 15.88
CG ORN L 1 10.11 -1.94 17.06
CD ORN L 1 10.05 -0.93 18.22
NE ORN L 1 10.36 0.41 17.78
C ORN L 1 6.82 -1.51 14.92
O ORN L 1 6.11 -2.23 14.21
H2 ORN L 1 8.29 -3.94 15.16
H ORN L 1 6.79 -3.99 15.80
HA ORN L 1 7.28 -1.87 17.01
HB2 ORN L 1 9.60 -1.92 14.94
HB3 ORN L 1 9.08 -0.47 15.87
HG2 ORN L 1 11.13 -1.98 16.67
HG3 ORN L 1 9.82 -2.93 17.43
HD2 ORN L 1 9.05 -0.95 18.65
HD3 ORN L 1 10.80 -1.23 18.97
HE1 ORN L 1 11.35 0.66 17.80
N TYR L 2 6.82 -0.14 14.82
CA TYR L 2 6.06 0.57 13.80
C TYR L 2 6.95 1.68 13.26
N LEU L 3 6.74 2.06 12.00
CA LEU L 3 7.47 3.16 11.40
C LEU L 3 6.84 4.48 11.84
N LEU L 4 7.69 5.35 12.37
CA LEU L 4 7.25 6.66 12.83
C LEU L 4 7.79 7.73 11.90
N PHI L 5 6.89 8.47 11.25
CA PHI L 5 7.27 9.63 10.46
CB PHI L 5 6.24 9.88 9.31
CG PHI L 5 6.22 8.64 8.37
CD1 PHI L 5 6.99 8.66 7.13
CD2 PHI L 5 5.49 7.53 8.70
CE1 PHI L 5 6.98 7.57 6.32
CE2 PHI L 5 5.51 6.44 7.88
CZ PHI L 5 6.24 6.47 6.63
I PHI L 5 6.23 4.76 5.38
C PHI L 5 7.27 10.82 11.37
O PHI L 5 6.27 11.10 12.13
H PHI L 5 5.96 8.32 11.23
HA PHI L 5 8.14 9.51 10.09
HB2 PHI L 5 5.40 10.00 9.67
HB3 PHI L 5 6.49 10.65 8.81
HD1 PHI L 5 7.51 9.44 6.90
HD2 PHI L 5 4.95 7.50 9.58
HE1 PHI L 5 7.50 7.58 5.46
HE2 PHI L 5 4.94 5.59 8.13
N TYR L 6 8.35 11.57 11.36
CA TYR L 6 8.42 12.72 12.25
C TYR L 6 9.14 13.85 11.53
N THR L 7 9.11 15.04 12.13
CA THR L 7 9.69 16.20 11.50
C THR L 7 11.08 16.49 12.09
N GLU L 8 12.01 16.85 11.23
CA GLU L 8 13.33 17.33 11.66
C GLU L 8 13.71 18.52 10.76
N ORN L 9 11.81 22.31 7.10
CA ORN L 9 12.39 21.05 7.64
CB ORN L 9 11.90 20.81 9.07
CG ORN L 9 12.65 21.65 10.13
CD ORN L 9 13.94 20.96 10.60
NE ORN L 9 13.64 19.76 11.34
C ORN L 9 12.04 19.84 6.75
O ORN L 9 11.25 19.96 5.80
H2 ORN L 9 10.80 22.39 7.26
H ORN L 9 11.93 22.41 6.08
HA ORN L 9 13.48 21.18 7.59
HB2 ORN L 9 12.05 19.75 9.33
HB3 ORN L 9 10.84 21.07 9.12
HG2 ORN L 9 12.90 22.62 9.70
HG3 ORN L 9 11.99 21.79 10.99
HD2 ORN L 9 14.55 20.70 9.73
HD3 ORN L 9 14.48 21.66 11.26
HE1 ORN L 9 13.35 19.91 12.32
N LYS L 10 12.66 18.67 7.08
CA LYS L 10 12.47 17.43 6.34
C LYS L 10 11.78 16.35 7.20
N VAL L 11 10.98 15.50 6.57
CA VAL L 11 10.40 14.35 7.25
C VAL L 11 11.54 13.40 7.53
N ALA L 12 11.39 12.61 8.58
CA ALA L 12 12.38 11.60 8.90
C ALA L 12 11.66 10.34 9.34
N MVA L 13 12.31 9.17 9.27
CN MVA L 13 13.64 8.99 8.69
CA MVA L 13 11.63 7.93 9.71
CB MVA L 13 11.34 7.04 8.52
CG1 MVA L 13 10.55 7.82 7.45
CG2 MVA L 13 10.56 5.80 8.93
C MVA L 13 12.37 7.13 10.74
O MVA L 13 13.50 6.68 10.52
HN1 MVA L 13 13.57 8.42 7.80
HN2 MVA L 13 14.27 8.49 9.38
HN3 MVA L 13 14.06 9.95 8.46
HA MVA L 13 10.67 8.24 10.14
HB MVA L 13 12.29 6.72 8.07
HG11 MVA L 13 11.06 8.72 7.24
HG12 MVA L 13 9.58 8.03 7.82
HG13 MVA L 13 10.48 7.24 6.58
HG21 MVA L 13 9.60 6.09 9.29
HG22 MVA L 13 11.10 5.30 9.69
HG23 MVA L 13 10.46 5.16 8.10
N ALA L 14 11.70 6.90 11.87
CA ALA L 14 12.26 6.10 12.94
C ALA L 14 11.56 4.75 13.00
N VAL L 15 12.29 3.69 13.32
CA VAL L 15 11.65 2.41 13.59
C VAL L 15 11.48 2.37 15.10
N LYS L 16 10.25 2.59 15.55
CA LYS L 16 9.89 2.66 16.96
C LYS L 16 9.39 1.30 17.40
S SO4 M . 15.38 -2.54 -8.17
O1 SO4 M . 14.02 -2.04 -7.99
O2 SO4 M . 15.48 -3.82 -7.47
O3 SO4 M . 15.70 -2.71 -9.58
O4 SO4 M . 16.35 -1.61 -7.58
CL CL N . -1.23 13.65 -6.65
S SO4 O . -5.01 7.97 15.96
O1 SO4 O . -5.90 9.07 15.62
O2 SO4 O . -5.66 7.10 16.93
O3 SO4 O . -4.71 7.17 14.77
O4 SO4 O . -3.78 8.53 16.50
S SO4 P . 21.17 -3.72 3.60
O1 SO4 P . 19.90 -3.72 4.32
O2 SO4 P . 21.88 -4.99 3.74
O3 SO4 P . 21.03 -3.48 2.17
O4 SO4 P . 22.02 -2.67 4.19
S SO4 Q . -15.23 -2.48 -10.02
O1 SO4 Q . -16.68 -2.32 -9.91
O2 SO4 Q . -14.68 -2.92 -8.74
O3 SO4 Q . -14.93 -3.49 -11.02
O4 SO4 Q . -14.64 -1.20 -10.38
S SO4 R . -11.30 -11.14 4.36
O1 SO4 R . -10.75 -12.45 3.99
O2 SO4 R . -10.81 -10.78 5.69
O3 SO4 R . -12.76 -11.15 4.36
O4 SO4 R . -10.86 -10.16 3.37
CL CL S . -3.88 -3.54 14.85
CL CL T . -12.17 5.95 17.09
CL CL U . -8.94 17.61 10.05
S SO4 V . -20.79 0.74 -6.88
O1 SO4 V . -22.20 0.83 -6.46
O2 SO4 V . -20.13 -0.33 -6.14
O3 SO4 V . -20.67 0.46 -8.30
O4 SO4 V . -20.09 1.99 -6.63
NA NA W . -24.01 6.07 1.75
S SO4 X . -9.96 -14.35 -13.19
O1 SO4 X . -11.23 -14.81 -12.65
O2 SO4 X . -8.91 -14.64 -12.21
O3 SO4 X . -9.64 -15.06 -14.42
O4 SO4 X . -10.05 -12.92 -13.48
CL CL Y . -2.70 3.98 -20.62
CL CL Z . 12.19 9.77 -5.95
S SO4 AA . 6.14 15.31 14.71
O1 SO4 AA . 4.69 15.41 14.88
O2 SO4 AA . 6.79 16.11 15.75
O3 SO4 AA . 6.56 13.92 14.85
O4 SO4 AA . 6.51 15.83 13.40
#